data_6I1Z
#
_entry.id   6I1Z
#
_cell.length_a   51.580
_cell.length_b   69.460
_cell.length_c   102.030
_cell.angle_alpha   82.830
_cell.angle_beta   83.430
_cell.angle_gamma   68.220
#
_symmetry.space_group_name_H-M   'P 1'
#
_entity_poly.entity_id   1
_entity_poly.type   'polypeptide(L)'
_entity_poly.pdbx_seq_one_letter_code
;MQWYLVAALLTILTSSQGILTTLSQSNGKYNYDYATIPFLAELFKLSVSGFFLWKECRTSPSVRMTKEWRSVRLYVVPSV
IYLIHNNVQFATLTYVDPSTYQIMGNLKIVTTGILFRLVLKRKLSNIQWMAIVLLAVGTTTSQVKGCGDSPCDSLFSAPL
EGYLLGILSACLSALAGVYTEYLMKKNNDSLYWQNVQLYTFGVIFNMGWLIYGDFKAGFELGPWWQRLFNGYSITTWMVV
FNLGSTGLLVSWLMKYSDNIVKVYSTSMAMLLTMVLSIYLFSVKATIQLFLGIIICIISLQMYFMPVHMLIELPQTLPVT
SK
;
_entity_poly.pdbx_strand_id   A,B
#
# COMPACT_ATOMS: atom_id res chain seq x y z
N MET A 1 -29.65 1.28 14.45
CA MET A 1 -30.19 1.09 13.08
C MET A 1 -29.32 1.83 12.05
N GLN A 2 -28.14 2.28 12.46
CA GLN A 2 -27.21 2.98 11.56
C GLN A 2 -26.23 1.95 10.98
N TRP A 3 -26.08 1.92 9.64
CA TRP A 3 -25.42 0.77 8.98
C TRP A 3 -23.99 0.63 9.54
N TYR A 4 -23.38 1.77 9.87
CA TYR A 4 -21.95 1.80 10.24
C TYR A 4 -21.77 1.17 11.63
N LEU A 5 -22.78 1.33 12.50
CA LEU A 5 -22.73 0.72 13.84
C LEU A 5 -22.90 -0.80 13.75
N VAL A 6 -23.75 -1.28 12.86
CA VAL A 6 -23.88 -2.71 12.58
C VAL A 6 -22.52 -3.24 12.06
N ALA A 7 -21.99 -2.49 11.08
CA ALA A 7 -20.73 -2.83 10.41
C ALA A 7 -19.59 -2.84 11.44
N ALA A 8 -19.60 -1.87 12.35
CA ALA A 8 -18.59 -1.77 13.40
C ALA A 8 -18.73 -2.94 14.36
N LEU A 9 -19.97 -3.28 14.70
CA LEU A 9 -20.26 -4.40 15.61
C LEU A 9 -19.84 -5.71 14.96
N LEU A 10 -20.09 -5.86 13.66
CA LEU A 10 -19.68 -7.05 12.91
C LEU A 10 -18.14 -7.19 13.00
N THR A 11 -17.43 -6.07 12.87
CA THR A 11 -15.97 -6.05 12.98
C THR A 11 -15.57 -6.55 14.38
N ILE A 12 -16.17 -5.96 15.40
CA ILE A 12 -15.87 -6.35 16.78
C ILE A 12 -16.15 -7.85 16.99
N LEU A 13 -17.28 -8.34 16.50
CA LEU A 13 -17.69 -9.73 16.76
C LEU A 13 -16.97 -10.70 15.81
N THR A 14 -16.60 -10.28 14.58
CA THR A 14 -15.89 -11.20 13.68
C THR A 14 -14.50 -11.51 14.28
N SER A 15 -13.93 -10.56 15.01
CA SER A 15 -12.63 -10.77 15.65
C SER A 15 -12.80 -11.50 17.00
N SER A 16 -13.96 -11.39 17.62
CA SER A 16 -14.26 -12.12 18.85
C SER A 16 -14.31 -13.62 18.59
N GLN A 17 -15.06 -14.06 17.60
CA GLN A 17 -15.11 -15.47 17.24
C GLN A 17 -13.73 -15.93 16.77
N GLY A 18 -12.91 -15.02 16.22
CA GLY A 18 -11.54 -15.32 15.87
C GLY A 18 -10.72 -15.78 17.08
N ILE A 19 -10.76 -15.01 18.15
CA ILE A 19 -9.96 -15.26 19.36
C ILE A 19 -10.59 -16.43 20.13
N LEU A 20 -11.90 -16.39 20.28
CA LEU A 20 -12.61 -17.42 21.04
C LEU A 20 -12.48 -18.78 20.36
N THR A 21 -12.30 -18.82 19.04
CA THR A 21 -12.07 -20.09 18.33
C THR A 21 -10.72 -20.66 18.78
N THR A 22 -9.66 -19.87 18.77
CA THR A 22 -8.32 -20.35 19.13
C THR A 22 -8.28 -20.74 20.62
N LEU A 23 -8.92 -19.94 21.48
CA LEU A 23 -8.84 -20.16 22.94
C LEU A 23 -9.38 -21.54 23.26
N SER A 24 -10.27 -22.06 22.41
CA SER A 24 -10.76 -23.44 22.53
C SER A 24 -9.97 -24.35 21.57
N GLN A 25 -8.64 -24.32 21.65
CA GLN A 25 -7.79 -25.25 20.91
C GLN A 25 -6.98 -26.09 21.92
N SER A 26 -7.65 -27.07 22.53
CA SER A 26 -7.03 -28.02 23.48
C SER A 26 -6.17 -27.29 24.51
N ALA A 35 -16.95 -28.53 15.80
CA ALA A 35 -17.20 -29.53 14.73
C ALA A 35 -18.68 -29.47 14.28
N THR A 36 -19.58 -29.54 15.26
CA THR A 36 -21.00 -29.42 15.06
C THR A 36 -21.48 -28.02 15.45
N ILE A 37 -20.53 -27.13 15.71
CA ILE A 37 -20.76 -25.67 15.91
C ILE A 37 -21.63 -25.07 14.80
N PRO A 38 -21.27 -25.25 13.51
CA PRO A 38 -22.04 -24.68 12.40
C PRO A 38 -23.54 -25.04 12.46
N PHE A 39 -23.83 -26.27 12.91
CA PHE A 39 -25.21 -26.74 13.05
C PHE A 39 -25.91 -25.95 14.15
N LEU A 40 -25.29 -25.88 15.33
CA LEU A 40 -25.84 -25.14 16.47
C LEU A 40 -25.94 -23.64 16.13
N ALA A 41 -24.93 -23.15 15.41
CA ALA A 41 -24.90 -21.73 15.05
C ALA A 41 -26.03 -21.40 14.11
N GLU A 42 -26.38 -22.29 13.16
CA GLU A 42 -27.50 -22.07 12.27
C GLU A 42 -28.82 -22.02 13.05
N LEU A 43 -29.00 -23.00 13.89
CA LEU A 43 -30.27 -23.13 14.66
C LEU A 43 -30.41 -21.90 15.56
N PHE A 44 -29.30 -21.38 16.09
CA PHE A 44 -29.33 -20.14 16.89
C PHE A 44 -29.82 -18.96 16.05
N LYS A 45 -29.37 -18.85 14.78
CA LYS A 45 -29.83 -17.78 13.91
C LYS A 45 -31.31 -18.02 13.52
N LEU A 46 -31.62 -19.26 13.22
CA LEU A 46 -32.98 -19.63 12.78
C LEU A 46 -33.97 -19.45 13.92
N SER A 47 -33.56 -19.76 15.15
CA SER A 47 -34.44 -19.71 16.31
C SER A 47 -34.54 -18.26 16.83
N VAL A 48 -33.50 -17.44 16.64
CA VAL A 48 -33.56 -16.04 17.06
C VAL A 48 -34.33 -15.22 16.03
N SER A 49 -34.24 -15.61 14.76
CA SER A 49 -35.01 -14.92 13.70
C SER A 49 -36.50 -15.24 13.82
N GLY A 50 -36.76 -16.54 13.99
CA GLY A 50 -38.11 -17.08 14.23
C GLY A 50 -38.78 -16.36 15.38
N PHE A 51 -38.02 -16.17 16.47
CA PHE A 51 -38.53 -15.49 17.66
C PHE A 51 -38.96 -14.09 17.29
N PHE A 52 -38.10 -13.33 16.61
CA PHE A 52 -38.42 -11.93 16.27
C PHE A 52 -39.53 -11.89 15.22
N LEU A 53 -39.61 -12.88 14.34
CA LEU A 53 -40.66 -12.90 13.33
C LEU A 53 -42.00 -13.04 14.05
N TRP A 54 -42.08 -14.08 14.84
CA TRP A 54 -43.31 -14.37 15.67
C TRP A 54 -43.67 -13.14 16.50
N LYS A 55 -42.72 -12.56 17.19
CA LYS A 55 -42.92 -11.40 18.05
C LYS A 55 -43.39 -10.20 17.23
N GLU A 56 -42.89 -10.07 16.01
CA GLU A 56 -43.23 -8.96 15.10
C GLU A 56 -44.69 -9.13 14.65
N CYS A 57 -45.12 -10.37 14.40
CA CYS A 57 -46.49 -10.62 13.95
C CYS A 57 -47.48 -10.35 15.09
N ARG A 58 -47.07 -10.66 16.30
CA ARG A 58 -47.95 -10.50 17.47
C ARG A 58 -47.96 -9.02 17.88
N THR A 59 -46.90 -8.25 17.56
CA THR A 59 -46.79 -6.86 18.00
C THR A 59 -47.21 -5.87 16.91
N SER A 60 -47.06 -6.23 15.64
CA SER A 60 -47.19 -5.26 14.56
C SER A 60 -48.50 -5.45 13.78
N PRO A 61 -49.12 -4.33 13.37
CA PRO A 61 -50.32 -4.31 12.50
C PRO A 61 -50.11 -5.02 11.14
N SER A 62 -48.94 -4.87 10.53
CA SER A 62 -48.71 -5.41 9.19
C SER A 62 -47.28 -5.93 9.08
N VAL A 63 -47.14 -7.13 8.56
CA VAL A 63 -45.82 -7.74 8.32
C VAL A 63 -45.82 -8.28 6.88
N ARG A 64 -44.89 -7.77 6.04
CA ARG A 64 -44.83 -8.21 4.65
C ARG A 64 -43.98 -9.51 4.60
N MET A 65 -44.57 -10.51 3.96
CA MET A 65 -44.04 -11.88 3.93
C MET A 65 -44.54 -12.58 2.67
N THR A 66 -43.62 -12.92 1.77
CA THR A 66 -43.94 -13.59 0.52
C THR A 66 -43.85 -15.10 0.76
N LYS A 67 -44.99 -15.78 0.78
CA LYS A 67 -45.02 -17.22 1.02
C LYS A 67 -45.03 -17.99 -0.30
N GLU A 68 -44.98 -17.31 -1.44
CA GLU A 68 -45.11 -17.92 -2.75
C GLU A 68 -43.81 -18.68 -3.11
N TRP A 69 -43.96 -19.94 -3.56
CA TRP A 69 -42.83 -20.81 -3.83
C TRP A 69 -41.88 -20.19 -4.87
N ARG A 70 -42.43 -19.30 -5.71
CA ARG A 70 -41.65 -18.56 -6.71
C ARG A 70 -40.40 -17.97 -6.05
N SER A 71 -40.57 -17.41 -4.85
CA SER A 71 -39.50 -16.65 -4.17
C SER A 71 -38.89 -17.46 -3.00
N VAL A 72 -39.67 -18.34 -2.38
CA VAL A 72 -39.16 -19.05 -1.19
C VAL A 72 -38.08 -20.05 -1.63
N ARG A 73 -38.28 -20.70 -2.79
CA ARG A 73 -37.40 -21.72 -3.33
C ARG A 73 -35.96 -21.20 -3.51
N LEU A 74 -35.84 -19.89 -3.70
CA LEU A 74 -34.52 -19.32 -4.06
C LEU A 74 -33.58 -19.25 -2.85
N TYR A 75 -34.10 -19.44 -1.63
CA TYR A 75 -33.25 -19.41 -0.43
C TYR A 75 -32.39 -20.69 -0.31
N VAL A 76 -32.57 -21.65 -1.21
CA VAL A 76 -31.77 -22.86 -1.26
C VAL A 76 -30.32 -22.49 -1.67
N VAL A 77 -30.28 -21.62 -2.69
CA VAL A 77 -29.06 -21.40 -3.52
C VAL A 77 -27.85 -21.11 -2.62
N PRO A 78 -27.95 -20.10 -1.72
CA PRO A 78 -26.81 -19.80 -0.85
C PRO A 78 -26.19 -21.05 -0.22
N SER A 79 -27.08 -21.92 0.30
CA SER A 79 -26.66 -23.14 1.00
C SER A 79 -25.94 -24.07 0.04
N VAL A 80 -26.43 -24.16 -1.20
CA VAL A 80 -25.81 -25.01 -2.25
C VAL A 80 -24.41 -24.46 -2.59
N ILE A 81 -24.31 -23.14 -2.71
CA ILE A 81 -23.03 -22.52 -3.02
C ILE A 81 -22.06 -22.81 -1.87
N TYR A 82 -22.51 -22.56 -0.65
CA TYR A 82 -21.64 -22.68 0.53
C TYR A 82 -21.18 -24.14 0.70
N LEU A 83 -22.05 -25.10 0.34
CA LEU A 83 -21.69 -26.52 0.40
C LEU A 83 -20.55 -26.80 -0.59
N ILE A 84 -20.73 -26.34 -1.83
CA ILE A 84 -19.73 -26.55 -2.88
C ILE A 84 -18.44 -25.82 -2.49
N HIS A 85 -18.60 -24.61 -1.95
CA HIS A 85 -17.47 -23.81 -1.46
C HIS A 85 -16.62 -24.61 -0.45
N ASN A 86 -17.29 -25.25 0.51
CA ASN A 86 -16.57 -25.93 1.59
C ASN A 86 -15.77 -27.12 1.02
N ASN A 87 -16.30 -27.76 -0.02
CA ASN A 87 -15.59 -28.86 -0.69
C ASN A 87 -14.35 -28.31 -1.43
N VAL A 88 -14.50 -27.15 -2.05
CA VAL A 88 -13.40 -26.55 -2.76
C VAL A 88 -12.33 -26.07 -1.75
N GLN A 89 -12.74 -25.44 -0.65
CA GLN A 89 -11.82 -25.09 0.43
C GLN A 89 -11.03 -26.31 0.89
N PHE A 90 -11.71 -27.41 1.14
CA PHE A 90 -11.05 -28.65 1.59
C PHE A 90 -10.10 -29.13 0.47
N ALA A 91 -10.59 -29.14 -0.76
CA ALA A 91 -9.81 -29.58 -1.91
C ALA A 91 -8.52 -28.76 -2.01
N THR A 92 -8.62 -27.44 -1.90
CA THR A 92 -7.49 -26.54 -2.03
C THR A 92 -6.37 -26.92 -1.06
N LEU A 93 -6.73 -27.04 0.22
CA LEU A 93 -5.75 -27.28 1.29
C LEU A 93 -4.95 -28.57 1.06
N THR A 94 -5.41 -29.44 0.16
CA THR A 94 -4.65 -30.66 -0.14
C THR A 94 -3.58 -30.44 -1.23
N TYR A 95 -3.54 -29.21 -1.75
CA TYR A 95 -2.56 -28.81 -2.76
C TYR A 95 -1.72 -27.64 -2.24
N VAL A 96 -2.24 -26.83 -1.31
CA VAL A 96 -1.48 -25.64 -0.86
C VAL A 96 -1.37 -25.67 0.66
N ASP A 97 -0.21 -25.18 1.15
CA ASP A 97 -0.05 -24.96 2.59
C ASP A 97 -1.02 -23.86 3.03
N PRO A 98 -1.43 -23.89 4.32
CA PRO A 98 -2.42 -22.94 4.84
C PRO A 98 -2.11 -21.46 4.58
N SER A 99 -0.83 -21.07 4.59
CA SER A 99 -0.51 -19.64 4.38
C SER A 99 -0.74 -19.24 2.93
N THR A 100 -0.30 -20.07 1.97
CA THR A 100 -0.61 -19.83 0.56
C THR A 100 -2.12 -19.75 0.35
N TYR A 101 -2.85 -20.66 1.03
CA TYR A 101 -4.32 -20.69 0.97
C TYR A 101 -4.89 -19.43 1.59
N GLN A 102 -4.37 -19.03 2.77
CA GLN A 102 -4.84 -17.84 3.49
C GLN A 102 -4.69 -16.60 2.61
N ILE A 103 -3.61 -16.51 1.83
CA ILE A 103 -3.30 -15.27 1.11
C ILE A 103 -4.01 -15.27 -0.25
N MET A 104 -4.29 -16.44 -0.83
CA MET A 104 -5.16 -16.50 -2.01
C MET A 104 -6.59 -16.12 -1.65
N GLY A 105 -6.90 -16.15 -0.35
CA GLY A 105 -8.25 -15.93 0.17
C GLY A 105 -8.64 -14.45 0.10
N ASN A 106 -7.65 -13.57 0.00
CA ASN A 106 -7.92 -12.12 -0.12
C ASN A 106 -8.47 -11.81 -1.53
N LEU A 107 -8.63 -12.81 -2.41
CA LEU A 107 -9.18 -12.56 -3.73
C LEU A 107 -10.71 -12.44 -3.66
N LYS A 108 -11.33 -12.92 -2.57
CA LYS A 108 -12.78 -12.78 -2.39
C LYS A 108 -13.17 -11.29 -2.39
N ILE A 109 -12.24 -10.44 -1.93
CA ILE A 109 -12.47 -9.00 -1.82
C ILE A 109 -12.71 -8.44 -3.24
N VAL A 110 -11.88 -8.86 -4.19
CA VAL A 110 -11.98 -8.32 -5.56
C VAL A 110 -13.10 -9.04 -6.31
N THR A 111 -13.31 -10.33 -6.06
CA THR A 111 -14.38 -11.06 -6.74
C THR A 111 -15.75 -10.58 -6.23
N THR A 112 -15.90 -10.24 -4.94
CA THR A 112 -17.16 -9.61 -4.51
C THR A 112 -17.30 -8.28 -5.24
N GLY A 113 -16.21 -7.50 -5.25
CA GLY A 113 -16.16 -6.23 -5.98
C GLY A 113 -16.72 -6.35 -7.39
N ILE A 114 -16.20 -7.31 -8.15
CA ILE A 114 -16.58 -7.49 -9.56
C ILE A 114 -18.04 -7.89 -9.65
N LEU A 115 -18.45 -8.91 -8.89
CA LEU A 115 -19.82 -9.45 -8.98
C LEU A 115 -20.83 -8.40 -8.47
N PHE A 116 -20.41 -7.56 -7.52
CA PHE A 116 -21.22 -6.43 -7.09
C PHE A 116 -21.66 -5.62 -8.32
N ARG A 117 -20.68 -5.31 -9.18
CA ARG A 117 -20.94 -4.56 -10.41
C ARG A 117 -21.70 -5.46 -11.41
N LEU A 118 -21.31 -6.72 -11.58
CA LEU A 118 -21.87 -7.53 -12.65
C LEU A 118 -23.28 -8.05 -12.27
N VAL A 119 -23.37 -8.74 -11.16
CA VAL A 119 -24.63 -9.37 -10.73
C VAL A 119 -25.57 -8.31 -10.12
N LEU A 120 -25.10 -7.56 -9.14
CA LEU A 120 -25.96 -6.58 -8.46
C LEU A 120 -26.06 -5.29 -9.30
N LYS A 121 -25.22 -5.17 -10.33
CA LYS A 121 -25.39 -4.13 -11.38
C LYS A 121 -25.32 -2.75 -10.74
N ARG A 122 -24.58 -2.61 -9.64
CA ARG A 122 -24.33 -1.34 -9.00
C ARG A 122 -23.04 -0.73 -9.57
N LYS A 123 -22.94 0.60 -9.60
CA LYS A 123 -21.81 1.28 -10.16
C LYS A 123 -20.88 1.75 -9.03
N LEU A 124 -19.59 1.75 -9.36
CA LEU A 124 -18.48 2.16 -8.49
C LEU A 124 -17.62 3.15 -9.27
N SER A 125 -17.14 4.14 -8.54
CA SER A 125 -16.19 5.13 -9.08
C SER A 125 -14.84 4.48 -9.35
N ASN A 126 -13.91 5.22 -9.92
CA ASN A 126 -12.53 4.79 -10.12
C ASN A 126 -11.82 4.73 -8.76
N ILE A 127 -12.03 5.78 -7.96
CA ILE A 127 -11.49 5.85 -6.59
C ILE A 127 -11.95 4.64 -5.79
N GLN A 128 -13.21 4.23 -5.98
CA GLN A 128 -13.79 3.10 -5.26
C GLN A 128 -13.14 1.79 -5.76
N TRP A 129 -13.00 1.64 -7.08
CA TRP A 129 -12.37 0.46 -7.63
C TRP A 129 -10.93 0.34 -7.09
N MET A 130 -10.24 1.47 -7.00
CA MET A 130 -8.87 1.48 -6.50
C MET A 130 -8.87 1.07 -5.02
N ALA A 131 -9.93 1.40 -4.31
CA ALA A 131 -10.05 1.05 -2.87
C ALA A 131 -10.30 -0.44 -2.69
N ILE A 132 -11.17 -1.02 -3.52
CA ILE A 132 -11.45 -2.47 -3.47
C ILE A 132 -10.09 -3.19 -3.61
N VAL A 133 -9.32 -2.83 -4.65
CA VAL A 133 -8.05 -3.47 -4.87
C VAL A 133 -7.11 -3.22 -3.68
N LEU A 134 -7.02 -1.96 -3.26
CA LEU A 134 -6.14 -1.62 -2.14
C LEU A 134 -6.48 -2.45 -0.90
N LEU A 135 -7.77 -2.73 -0.67
CA LEU A 135 -8.16 -3.51 0.51
C LEU A 135 -7.57 -4.91 0.41
N ALA A 136 -7.77 -5.52 -0.76
CA ALA A 136 -7.25 -6.89 -1.00
C ALA A 136 -5.73 -6.86 -0.81
N VAL A 137 -5.07 -5.88 -1.42
CA VAL A 137 -3.63 -5.78 -1.35
C VAL A 137 -3.15 -5.50 0.08
N GLY A 138 -3.90 -4.69 0.82
CA GLY A 138 -3.53 -4.29 2.19
C GLY A 138 -3.61 -5.45 3.16
N THR A 139 -4.61 -6.31 2.98
CA THR A 139 -4.84 -7.49 3.81
C THR A 139 -3.73 -8.52 3.52
N THR A 140 -3.49 -8.79 2.25
CA THR A 140 -2.42 -9.65 1.81
C THR A 140 -1.09 -9.19 2.43
N THR A 141 -0.83 -7.88 2.38
CA THR A 141 0.41 -7.29 2.87
C THR A 141 0.63 -7.67 4.34
N SER A 142 -0.41 -7.59 5.16
CA SER A 142 -0.35 -7.90 6.58
C SER A 142 -0.06 -9.40 6.80
N GLN A 143 -0.49 -10.25 5.88
CA GLN A 143 -0.38 -11.69 6.04
C GLN A 143 0.94 -12.20 5.52
N VAL A 144 1.64 -11.45 4.66
CA VAL A 144 3.01 -11.82 4.21
C VAL A 144 3.91 -12.13 5.43
N LYS A 145 4.63 -13.27 5.33
CA LYS A 145 5.18 -13.99 6.49
C LYS A 145 6.32 -13.21 7.13
N GLY A 146 6.09 -12.78 8.38
CA GLY A 146 7.07 -12.00 9.16
C GLY A 146 8.44 -12.66 9.34
N CYS A 147 9.52 -11.88 9.26
CA CYS A 147 10.83 -12.46 8.95
C CYS A 147 11.28 -13.44 10.05
N ASP A 153 7.31 -21.24 5.51
CA ASP A 153 6.30 -21.60 4.49
C ASP A 153 6.95 -21.58 3.09
N SER A 154 6.13 -21.65 2.02
CA SER A 154 6.62 -21.63 0.60
C SER A 154 5.49 -21.43 -0.43
N LEU A 155 5.08 -20.19 -0.74
CA LEU A 155 4.14 -19.98 -1.87
C LEU A 155 4.94 -19.85 -3.16
N PHE A 156 4.25 -19.86 -4.30
CA PHE A 156 4.83 -19.82 -5.63
C PHE A 156 5.27 -21.24 -6.00
N SER A 157 4.96 -22.23 -5.14
CA SER A 157 5.48 -23.59 -5.27
C SER A 157 4.35 -24.61 -5.47
N ALA A 158 3.11 -24.15 -5.53
CA ALA A 158 1.95 -25.07 -5.51
C ALA A 158 1.61 -25.53 -6.94
N PRO A 159 0.85 -26.62 -7.04
CA PRO A 159 0.35 -27.14 -8.33
C PRO A 159 -0.67 -26.16 -8.91
N LEU A 160 -0.92 -26.24 -10.20
CA LEU A 160 -1.94 -25.41 -10.85
C LEU A 160 -3.31 -25.62 -10.20
N GLU A 161 -3.67 -26.86 -9.88
CA GLU A 161 -4.93 -27.18 -9.22
C GLU A 161 -5.14 -26.27 -8.00
N GLY A 162 -4.10 -26.17 -7.19
CA GLY A 162 -4.12 -25.34 -6.00
C GLY A 162 -4.52 -23.91 -6.32
N TYR A 163 -3.81 -23.31 -7.27
CA TYR A 163 -4.05 -21.93 -7.66
C TYR A 163 -5.45 -21.79 -8.25
N LEU A 164 -5.85 -22.73 -9.12
CA LEU A 164 -7.15 -22.63 -9.77
C LEU A 164 -8.29 -22.78 -8.77
N LEU A 165 -8.14 -23.67 -7.79
CA LEU A 165 -9.18 -23.94 -6.77
C LEU A 165 -9.27 -22.75 -5.82
N GLY A 166 -8.13 -22.24 -5.38
CA GLY A 166 -8.07 -21.05 -4.54
C GLY A 166 -8.89 -19.92 -5.15
N ILE A 167 -8.76 -19.78 -6.48
CA ILE A 167 -9.46 -18.71 -7.22
C ILE A 167 -10.96 -19.01 -7.25
N LEU A 168 -11.31 -20.24 -7.60
CA LEU A 168 -12.75 -20.67 -7.67
C LEU A 168 -13.41 -20.64 -6.30
N SER A 169 -12.63 -20.89 -5.24
CA SER A 169 -13.13 -20.76 -3.87
C SER A 169 -13.61 -19.32 -3.63
N ALA A 170 -12.80 -18.35 -4.02
CA ALA A 170 -13.09 -16.93 -3.83
C ALA A 170 -14.37 -16.52 -4.58
N CYS A 171 -14.52 -17.05 -5.79
CA CYS A 171 -15.65 -16.74 -6.66
C CYS A 171 -16.95 -17.25 -6.05
N LEU A 172 -16.91 -18.45 -5.49
CA LEU A 172 -18.08 -19.05 -4.83
C LEU A 172 -18.40 -18.26 -3.56
N SER A 173 -17.38 -18.01 -2.73
CA SER A 173 -17.55 -17.20 -1.52
C SER A 173 -18.32 -15.93 -1.86
N ALA A 174 -17.80 -15.20 -2.85
CA ALA A 174 -18.39 -13.94 -3.31
C ALA A 174 -19.82 -14.18 -3.81
N LEU A 175 -19.98 -15.19 -4.66
CA LEU A 175 -21.27 -15.47 -5.27
C LEU A 175 -22.33 -15.70 -4.19
N ALA A 176 -21.98 -16.43 -3.15
CA ALA A 176 -22.91 -16.73 -2.05
C ALA A 176 -23.37 -15.43 -1.40
N GLY A 177 -22.43 -14.59 -1.00
CA GLY A 177 -22.75 -13.30 -0.39
C GLY A 177 -23.55 -12.42 -1.32
N VAL A 178 -23.13 -12.32 -2.58
CA VAL A 178 -23.81 -11.44 -3.55
C VAL A 178 -25.22 -11.98 -3.79
N TYR A 179 -25.39 -13.29 -3.88
CA TYR A 179 -26.72 -13.84 -4.14
C TYR A 179 -27.63 -13.59 -2.91
N THR A 180 -27.08 -13.66 -1.71
CA THR A 180 -27.87 -13.40 -0.52
C THR A 180 -28.40 -11.97 -0.56
N GLU A 181 -27.53 -10.99 -0.84
CA GLU A 181 -27.96 -9.59 -0.96
C GLU A 181 -29.11 -9.50 -1.97
N TYR A 182 -28.97 -10.17 -3.10
CA TYR A 182 -30.04 -10.23 -4.10
C TYR A 182 -31.36 -10.65 -3.43
N LEU A 183 -31.33 -11.74 -2.67
CA LEU A 183 -32.53 -12.28 -2.03
C LEU A 183 -33.14 -11.24 -1.07
N MET A 184 -32.33 -10.64 -0.21
CA MET A 184 -32.84 -9.67 0.77
C MET A 184 -33.51 -8.49 0.03
N LYS A 185 -32.83 -7.98 -1.01
CA LYS A 185 -33.21 -6.73 -1.65
C LYS A 185 -34.17 -6.97 -2.82
N LYS A 186 -34.47 -8.23 -3.17
CA LYS A 186 -35.41 -8.50 -4.27
C LYS A 186 -36.87 -8.36 -3.78
N ASN A 187 -37.06 -8.24 -2.48
CA ASN A 187 -38.38 -8.14 -1.86
C ASN A 187 -38.38 -6.95 -0.92
N ASN A 188 -39.58 -6.47 -0.58
CA ASN A 188 -39.73 -5.47 0.49
C ASN A 188 -40.22 -6.20 1.75
N ASP A 189 -39.78 -7.45 1.91
CA ASP A 189 -40.27 -8.37 2.91
C ASP A 189 -39.59 -8.09 4.26
N SER A 190 -40.03 -8.81 5.30
CA SER A 190 -39.47 -8.61 6.64
C SER A 190 -38.09 -9.28 6.76
N LEU A 191 -37.15 -8.60 7.39
CA LEU A 191 -35.80 -9.12 7.60
C LEU A 191 -35.89 -10.49 8.29
N TYR A 192 -36.78 -10.58 9.27
CA TYR A 192 -36.89 -11.74 10.15
C TYR A 192 -37.49 -12.93 9.38
N TRP A 193 -38.36 -12.65 8.42
CA TRP A 193 -38.96 -13.71 7.59
C TRP A 193 -37.95 -14.16 6.51
N GLN A 194 -37.11 -13.25 6.03
CA GLN A 194 -36.09 -13.60 5.06
C GLN A 194 -35.02 -14.47 5.74
N ASN A 195 -34.62 -14.07 6.96
CA ASN A 195 -33.73 -14.87 7.78
C ASN A 195 -34.34 -16.28 7.99
N VAL A 196 -35.61 -16.34 8.36
CA VAL A 196 -36.22 -17.62 8.73
C VAL A 196 -36.19 -18.59 7.54
N GLN A 197 -36.42 -18.13 6.32
CA GLN A 197 -36.33 -18.99 5.13
C GLN A 197 -34.86 -19.36 4.86
N LEU A 198 -33.99 -18.34 4.89
CA LEU A 198 -32.57 -18.53 4.63
C LEU A 198 -31.99 -19.60 5.58
N TYR A 199 -32.22 -19.42 6.88
CA TYR A 199 -31.62 -20.24 7.91
C TYR A 199 -32.33 -21.59 8.10
N THR A 200 -33.53 -21.72 7.54
CA THR A 200 -34.22 -23.01 7.50
C THR A 200 -33.45 -23.96 6.58
N PHE A 201 -33.18 -23.50 5.35
CA PHE A 201 -32.43 -24.31 4.38
C PHE A 201 -31.02 -24.58 4.89
N GLY A 202 -30.42 -23.64 5.59
CA GLY A 202 -29.11 -23.85 6.20
C GLY A 202 -29.14 -24.98 7.25
N VAL A 203 -30.16 -24.97 8.10
CA VAL A 203 -30.33 -26.02 9.08
C VAL A 203 -30.50 -27.38 8.34
N ILE A 204 -31.39 -27.41 7.35
CA ILE A 204 -31.63 -28.60 6.55
C ILE A 204 -30.32 -29.12 5.96
N PHE A 205 -29.54 -28.25 5.33
CA PHE A 205 -28.32 -28.67 4.62
C PHE A 205 -27.23 -29.06 5.62
N ASN A 206 -27.03 -28.29 6.69
CA ASN A 206 -26.11 -28.68 7.77
C ASN A 206 -26.42 -30.12 8.25
N MET A 207 -27.72 -30.41 8.35
CA MET A 207 -28.18 -31.69 8.85
C MET A 207 -27.97 -32.80 7.80
N GLY A 208 -28.28 -32.49 6.55
CA GLY A 208 -28.02 -33.40 5.44
C GLY A 208 -26.54 -33.73 5.30
N TRP A 209 -25.67 -32.78 5.65
CA TRP A 209 -24.23 -33.02 5.63
C TRP A 209 -23.84 -34.09 6.66
N LEU A 210 -24.34 -33.92 7.88
CA LEU A 210 -24.08 -34.86 8.97
C LEU A 210 -24.70 -36.24 8.67
N ILE A 211 -25.84 -36.25 7.96
CA ILE A 211 -26.44 -37.51 7.49
C ILE A 211 -25.56 -38.12 6.39
N TYR A 212 -25.00 -37.29 5.53
CA TYR A 212 -24.10 -37.77 4.48
C TYR A 212 -22.78 -38.18 5.15
N PHE A 229 -22.02 -32.24 21.52
CA PHE A 229 -21.47 -32.05 22.87
C PHE A 229 -19.98 -32.41 22.86
N ASN A 230 -19.62 -33.59 23.40
CA ASN A 230 -18.27 -34.13 23.30
C ASN A 230 -17.26 -33.09 23.80
N GLY A 231 -17.44 -32.69 25.06
CA GLY A 231 -16.53 -31.73 25.72
C GLY A 231 -16.94 -30.29 25.51
N TYR A 232 -18.25 -30.08 25.27
CA TYR A 232 -18.81 -28.75 24.95
C TYR A 232 -18.76 -27.87 26.21
N SER A 233 -17.82 -26.92 26.18
CA SER A 233 -17.49 -26.10 27.33
C SER A 233 -18.40 -24.88 27.32
N ILE A 234 -18.18 -23.95 28.28
CA ILE A 234 -18.74 -22.62 28.24
C ILE A 234 -18.25 -21.92 26.96
N THR A 235 -16.92 -21.95 26.82
CA THR A 235 -16.21 -21.34 25.66
C THR A 235 -16.87 -21.80 24.35
N THR A 236 -17.21 -23.10 24.28
CA THR A 236 -17.83 -23.66 23.09
C THR A 236 -19.17 -22.96 22.84
N TRP A 237 -19.97 -22.76 23.91
CA TRP A 237 -21.26 -22.11 23.79
C TRP A 237 -21.08 -20.62 23.42
N MET A 238 -19.98 -20.00 23.88
CA MET A 238 -19.74 -18.58 23.55
C MET A 238 -19.57 -18.41 22.03
N VAL A 239 -18.86 -19.33 21.38
CA VAL A 239 -18.57 -19.17 19.94
C VAL A 239 -19.85 -19.51 19.15
N VAL A 240 -20.68 -20.42 19.68
CA VAL A 240 -21.93 -20.75 18.98
C VAL A 240 -22.80 -19.50 18.93
N PHE A 241 -22.91 -18.82 20.05
CA PHE A 241 -23.65 -17.53 20.14
C PHE A 241 -22.98 -16.48 19.25
N ASN A 242 -21.66 -16.36 19.35
CA ASN A 242 -20.91 -15.32 18.63
C ASN A 242 -21.03 -15.55 17.11
N LEU A 243 -21.04 -16.82 16.69
CA LEU A 243 -21.10 -17.19 15.27
C LEU A 243 -22.53 -16.91 14.79
N GLY A 244 -23.51 -17.15 15.66
CA GLY A 244 -24.88 -16.79 15.39
C GLY A 244 -25.06 -15.29 15.26
N SER A 245 -24.50 -14.55 16.23
CA SER A 245 -24.60 -13.09 16.28
C SER A 245 -24.11 -12.50 14.96
N THR A 246 -22.85 -12.78 14.62
CA THR A 246 -22.21 -12.14 13.45
C THR A 246 -23.05 -12.43 12.21
N GLY A 247 -23.55 -13.69 12.13
CA GLY A 247 -24.33 -14.15 10.98
C GLY A 247 -25.62 -13.36 10.81
N LEU A 248 -26.23 -12.92 11.92
CA LEU A 248 -27.46 -12.11 11.83
C LEU A 248 -27.12 -10.71 11.33
N LEU A 249 -25.97 -10.20 11.75
CA LEU A 249 -25.50 -8.87 11.34
C LEU A 249 -25.21 -8.89 9.84
N VAL A 250 -24.61 -9.99 9.37
CA VAL A 250 -24.29 -10.12 7.94
C VAL A 250 -25.60 -10.02 7.14
N SER A 251 -26.65 -10.67 7.63
CA SER A 251 -27.94 -10.65 6.94
C SER A 251 -28.50 -9.22 6.95
N TRP A 252 -28.46 -8.57 8.12
CA TRP A 252 -28.89 -7.16 8.21
C TRP A 252 -28.23 -6.36 7.09
N LEU A 253 -26.90 -6.53 6.95
CA LEU A 253 -26.11 -5.75 5.99
C LEU A 253 -26.43 -6.19 4.56
N MET A 254 -26.75 -7.47 4.36
CA MET A 254 -27.18 -7.94 3.04
C MET A 254 -28.48 -7.20 2.64
N LYS A 255 -29.30 -6.86 3.63
CA LYS A 255 -30.58 -6.20 3.35
C LYS A 255 -30.40 -4.68 3.26
N TYR A 256 -29.95 -4.07 4.35
CA TYR A 256 -29.97 -2.60 4.48
C TYR A 256 -28.61 -1.96 4.15
N SER A 257 -27.67 -2.75 3.63
CA SER A 257 -26.35 -2.27 3.23
C SER A 257 -25.86 -3.34 2.24
N ASP A 258 -24.68 -3.15 1.73
CA ASP A 258 -24.17 -3.97 0.61
C ASP A 258 -23.01 -4.85 1.07
N ASN A 259 -22.65 -5.77 0.19
CA ASN A 259 -21.55 -6.74 0.35
C ASN A 259 -20.21 -6.04 0.59
N ILE A 260 -20.00 -4.89 -0.03
CA ILE A 260 -18.67 -4.26 0.10
C ILE A 260 -18.52 -3.75 1.54
N VAL A 261 -19.55 -3.19 2.14
CA VAL A 261 -19.55 -2.83 3.55
C VAL A 261 -19.20 -4.07 4.39
N LYS A 262 -19.81 -5.19 4.02
CA LYS A 262 -19.55 -6.46 4.72
C LYS A 262 -18.05 -6.76 4.67
N VAL A 263 -17.48 -6.84 3.47
CA VAL A 263 -16.10 -7.30 3.31
C VAL A 263 -15.12 -6.26 3.92
N TYR A 264 -15.51 -5.00 4.05
CA TYR A 264 -14.66 -4.06 4.79
C TYR A 264 -14.73 -4.38 6.28
N SER A 265 -15.90 -4.76 6.79
CA SER A 265 -16.04 -5.16 8.20
C SER A 265 -15.18 -6.40 8.50
N THR A 266 -15.35 -7.40 7.66
CA THR A 266 -14.61 -8.68 7.80
C THR A 266 -13.09 -8.39 7.79
N SER A 267 -12.65 -7.62 6.79
CA SER A 267 -11.25 -7.35 6.63
C SER A 267 -10.68 -6.56 7.82
N MET A 268 -11.39 -5.56 8.32
CA MET A 268 -10.95 -4.81 9.48
C MET A 268 -10.95 -5.73 10.71
N ALA A 269 -11.81 -6.74 10.75
CA ALA A 269 -11.83 -7.70 11.84
C ALA A 269 -10.49 -8.44 11.85
N MET A 270 -10.05 -8.93 10.68
CA MET A 270 -8.85 -9.73 10.61
C MET A 270 -7.63 -8.91 11.00
N LEU A 271 -7.64 -7.61 10.74
CA LEU A 271 -6.55 -6.72 11.15
C LEU A 271 -6.59 -6.60 12.68
N LEU A 272 -7.77 -6.39 13.24
CA LEU A 272 -7.91 -6.24 14.70
C LEU A 272 -7.45 -7.53 15.40
N THR A 273 -7.77 -8.68 14.83
CA THR A 273 -7.37 -9.98 15.38
C THR A 273 -5.85 -10.04 15.53
N MET A 274 -5.12 -9.60 14.52
CA MET A 274 -3.66 -9.59 14.56
C MET A 274 -3.15 -8.58 15.61
N VAL A 275 -3.81 -7.44 15.71
CA VAL A 275 -3.46 -6.42 16.72
C VAL A 275 -3.77 -6.95 18.11
N LEU A 276 -4.87 -7.66 18.29
CA LEU A 276 -5.24 -8.21 19.60
C LEU A 276 -4.35 -9.40 19.95
N SER A 277 -3.89 -10.15 18.94
CA SER A 277 -2.97 -11.29 19.15
C SER A 277 -1.62 -10.81 19.76
N ILE A 278 -1.29 -9.54 19.59
CA ILE A 278 -0.03 -9.02 20.07
C ILE A 278 -0.10 -8.79 21.58
N TYR A 279 -1.26 -8.29 22.01
CA TYR A 279 -1.47 -7.92 23.44
C TYR A 279 -1.89 -9.17 24.22
N LEU A 280 -2.52 -10.20 23.60
CA LEU A 280 -2.96 -11.36 24.34
C LEU A 280 -1.99 -12.53 24.16
N PHE A 281 -1.98 -13.12 22.97
CA PHE A 281 -1.18 -14.31 22.69
C PHE A 281 0.29 -13.95 22.47
N SER A 282 0.56 -12.64 22.52
CA SER A 282 1.92 -12.04 22.52
C SER A 282 2.66 -12.44 21.24
N VAL A 283 1.99 -12.31 20.09
CA VAL A 283 2.58 -12.67 18.80
C VAL A 283 3.36 -11.45 18.29
N LYS A 284 4.35 -11.76 17.46
CA LYS A 284 5.38 -10.80 17.00
C LYS A 284 4.75 -9.79 16.05
N ALA A 285 4.69 -8.52 16.46
CA ALA A 285 4.26 -7.43 15.57
C ALA A 285 5.30 -7.25 14.47
N THR A 286 4.87 -7.16 13.20
CA THR A 286 5.78 -7.01 12.08
C THR A 286 5.51 -5.69 11.34
N ILE A 287 6.42 -5.28 10.49
CA ILE A 287 6.27 -4.08 9.69
C ILE A 287 5.10 -4.28 8.71
N GLN A 288 4.95 -5.53 8.25
CA GLN A 288 3.89 -5.86 7.24
C GLN A 288 2.52 -5.68 7.91
N LEU A 289 2.39 -5.87 9.18
CA LEU A 289 1.15 -5.54 9.88
C LEU A 289 0.96 -4.02 9.88
N PHE A 290 1.98 -3.28 10.27
CA PHE A 290 1.90 -1.82 10.28
C PHE A 290 1.48 -1.33 8.90
N LEU A 291 2.18 -1.81 7.86
CA LEU A 291 1.93 -1.34 6.47
C LEU A 291 0.51 -1.69 6.03
N GLY A 292 0.11 -2.93 6.21
CA GLY A 292 -1.22 -3.43 5.75
C GLY A 292 -2.35 -2.65 6.43
N ILE A 293 -2.16 -2.19 7.66
CA ILE A 293 -3.18 -1.42 8.34
C ILE A 293 -3.34 -0.03 7.67
N ILE A 294 -2.22 0.60 7.37
CA ILE A 294 -2.16 1.91 6.73
C ILE A 294 -2.84 1.82 5.35
N ILE A 295 -2.48 0.82 4.57
CA ILE A 295 -3.09 0.57 3.27
C ILE A 295 -4.59 0.45 3.45
N CYS A 296 -5.01 -0.34 4.44
CA CYS A 296 -6.42 -0.65 4.64
C CYS A 296 -7.17 0.61 5.13
N ILE A 297 -6.61 1.35 6.09
CA ILE A 297 -7.22 2.59 6.57
C ILE A 297 -7.43 3.54 5.39
N ILE A 298 -6.42 3.64 4.53
CA ILE A 298 -6.48 4.51 3.33
C ILE A 298 -7.53 3.91 2.37
N SER A 299 -7.52 2.59 2.19
CA SER A 299 -8.50 1.95 1.33
C SER A 299 -9.92 2.19 1.84
N LEU A 300 -10.07 2.34 3.14
CA LEU A 300 -11.39 2.60 3.75
C LEU A 300 -11.86 4.01 3.37
N GLN A 301 -10.98 4.97 3.60
CA GLN A 301 -11.30 6.38 3.34
C GLN A 301 -11.64 6.57 1.86
N MET A 302 -10.80 6.02 0.99
CA MET A 302 -11.04 6.13 -0.47
C MET A 302 -12.45 5.64 -0.83
N TYR A 303 -12.88 4.50 -0.32
CA TYR A 303 -14.14 3.91 -0.75
C TYR A 303 -15.33 4.65 -0.12
N PHE A 304 -15.20 5.04 1.15
CA PHE A 304 -16.35 5.51 1.92
C PHE A 304 -16.31 7.03 2.10
N MET A 305 -15.24 7.62 1.53
CA MET A 305 -15.21 9.09 1.57
C MET A 305 -16.27 9.66 0.61
N PRO A 306 -17.02 10.63 1.14
CA PRO A 306 -17.90 11.54 0.35
C PRO A 306 -17.07 12.31 -0.68
N VAL A 307 -17.49 12.41 -1.93
CA VAL A 307 -16.58 12.81 -3.01
C VAL A 307 -16.25 14.31 -2.90
N HIS A 308 -16.96 15.10 -2.08
CA HIS A 308 -16.60 16.49 -1.84
C HIS A 308 -15.44 16.57 -0.83
N MET A 309 -15.38 15.60 0.09
CA MET A 309 -14.31 15.54 1.09
C MET A 309 -13.00 15.10 0.45
N LEU A 310 -13.10 14.20 -0.52
CA LEU A 310 -11.93 13.71 -1.29
C LEU A 310 -11.24 14.88 -2.01
N ILE A 311 -11.98 15.99 -2.24
CA ILE A 311 -11.44 17.06 -3.08
C ILE A 311 -11.48 18.35 -2.23
N GLU A 312 -10.32 18.80 -1.74
CA GLU A 312 -10.21 20.03 -0.96
C GLU A 312 -9.91 21.18 -1.93
N GLN B 2 8.09 18.18 -21.99
CA GLN B 2 6.96 18.02 -21.05
C GLN B 2 7.49 17.27 -19.80
N TRP B 3 7.08 17.79 -18.65
CA TRP B 3 7.62 17.37 -17.33
C TRP B 3 7.57 15.85 -17.19
N TYR B 4 6.54 15.20 -17.75
CA TYR B 4 6.31 13.77 -17.52
C TYR B 4 7.35 12.95 -18.30
N LEU B 5 7.79 13.47 -19.46
CA LEU B 5 8.83 12.81 -20.25
C LEU B 5 10.18 12.91 -19.55
N VAL B 6 10.48 14.06 -18.93
CA VAL B 6 11.68 14.24 -18.11
C VAL B 6 11.61 13.23 -16.94
N ALA B 7 10.44 13.20 -16.28
CA ALA B 7 10.19 12.34 -15.13
C ALA B 7 10.36 10.86 -15.52
N ALA B 8 9.86 10.51 -16.69
CA ALA B 8 9.97 9.14 -17.20
C ALA B 8 11.44 8.83 -17.49
N LEU B 9 12.14 9.78 -18.08
CA LEU B 9 13.56 9.62 -18.42
C LEU B 9 14.39 9.50 -17.13
N LEU B 10 14.05 10.29 -16.11
CA LEU B 10 14.72 10.20 -14.82
C LEU B 10 14.55 8.79 -14.25
N THR B 11 13.34 8.23 -14.39
CA THR B 11 13.06 6.87 -13.92
C THR B 11 13.97 5.89 -14.68
N ILE B 12 13.99 6.00 -16.00
CA ILE B 12 14.84 5.13 -16.82
C ILE B 12 16.30 5.25 -16.40
N LEU B 13 16.80 6.46 -16.20
CA LEU B 13 18.23 6.68 -15.92
C LEU B 13 18.53 6.42 -14.43
N THR B 14 17.60 6.63 -13.51
CA THR B 14 17.89 6.36 -12.10
C THR B 14 18.09 4.83 -11.90
N SER B 15 17.42 4.03 -12.72
CA SER B 15 17.58 2.57 -12.66
C SER B 15 18.80 2.12 -13.48
N SER B 16 19.23 2.91 -14.45
CA SER B 16 20.44 2.62 -15.21
C SER B 16 21.69 2.74 -14.30
N GLN B 17 21.82 3.84 -13.58
CA GLN B 17 22.92 3.99 -12.64
C GLN B 17 22.79 2.94 -11.50
N GLY B 18 21.61 2.46 -11.23
CA GLY B 18 21.41 1.36 -10.30
C GLY B 18 22.11 0.08 -10.75
N ILE B 19 21.91 -0.31 -12.00
CA ILE B 19 22.49 -1.54 -12.57
C ILE B 19 24.01 -1.31 -12.76
N LEU B 20 24.34 -0.19 -13.40
CA LEU B 20 25.73 0.14 -13.68
C LEU B 20 26.57 0.23 -12.39
N THR B 21 25.97 0.62 -11.29
CA THR B 21 26.62 0.64 -9.97
C THR B 21 27.04 -0.79 -9.58
N THR B 22 26.13 -1.75 -9.64
CA THR B 22 26.38 -3.12 -9.21
C THR B 22 27.37 -3.77 -10.16
N LEU B 23 27.50 -3.26 -11.38
CA LEU B 23 28.51 -3.73 -12.36
C LEU B 23 29.79 -2.88 -12.27
N ALA B 35 34.42 5.96 -3.84
CA ALA B 35 33.44 6.54 -4.79
C ALA B 35 33.81 7.99 -5.09
N THR B 36 34.94 8.22 -5.75
CA THR B 36 35.39 9.60 -6.08
C THR B 36 34.39 10.25 -7.05
N ILE B 37 33.76 9.47 -7.92
CA ILE B 37 33.06 9.99 -9.13
C ILE B 37 32.20 11.18 -8.75
N PRO B 38 31.63 11.18 -7.57
CA PRO B 38 30.83 12.36 -7.24
C PRO B 38 31.44 13.68 -7.74
N PHE B 39 32.78 13.74 -7.69
CA PHE B 39 33.53 14.91 -8.16
C PHE B 39 33.37 15.04 -9.67
N LEU B 40 33.66 13.97 -10.39
CA LEU B 40 33.54 13.94 -11.86
C LEU B 40 32.08 14.16 -12.26
N ALA B 41 31.15 13.60 -11.50
CA ALA B 41 29.73 13.73 -11.81
C ALA B 41 29.30 15.20 -11.69
N GLU B 42 29.80 15.90 -10.65
CA GLU B 42 29.50 17.32 -10.48
C GLU B 42 30.16 18.13 -11.61
N LEU B 43 31.41 17.81 -11.90
CA LEU B 43 32.15 18.52 -12.94
C LEU B 43 31.42 18.40 -14.29
N PHE B 44 30.84 17.24 -14.55
CA PHE B 44 30.04 17.01 -15.75
C PHE B 44 28.82 17.93 -15.77
N LYS B 45 28.13 18.06 -14.64
CA LYS B 45 26.93 18.90 -14.55
C LYS B 45 27.32 20.38 -14.67
N LEU B 46 28.39 20.75 -13.96
CA LEU B 46 28.86 22.15 -13.95
C LEU B 46 29.33 22.58 -15.34
N SER B 47 29.99 21.69 -16.05
CA SER B 47 30.60 21.98 -17.35
C SER B 47 29.55 21.88 -18.46
N VAL B 48 28.50 21.06 -18.28
CA VAL B 48 27.43 20.97 -19.28
C VAL B 48 26.47 22.16 -19.10
N SER B 49 26.31 22.61 -17.85
CA SER B 49 25.45 23.78 -17.58
C SER B 49 26.12 25.05 -18.10
N GLY B 50 27.41 25.18 -17.75
CA GLY B 50 28.28 26.27 -18.20
C GLY B 50 28.24 26.39 -19.71
N PHE B 51 28.32 25.26 -20.40
CA PHE B 51 28.28 25.24 -21.87
C PHE B 51 26.97 25.86 -22.34
N PHE B 52 25.85 25.40 -21.81
CA PHE B 52 24.54 25.89 -22.26
C PHE B 52 24.36 27.36 -21.82
N LEU B 53 24.93 27.76 -20.68
CA LEU B 53 24.79 29.14 -20.24
C LEU B 53 25.52 30.03 -21.24
N TRP B 54 26.77 29.74 -21.45
CA TRP B 54 27.63 30.47 -22.43
C TRP B 54 26.92 30.51 -23.78
N LYS B 55 26.45 29.39 -24.28
CA LYS B 55 25.79 29.28 -25.57
C LYS B 55 24.51 30.12 -25.60
N GLU B 56 23.81 30.18 -24.47
CA GLU B 56 22.56 30.93 -24.36
C GLU B 56 22.86 32.44 -24.41
N CYS B 57 23.97 32.86 -23.80
CA CYS B 57 24.34 34.28 -23.78
C CYS B 57 24.81 34.73 -25.17
N ARG B 58 25.42 33.83 -25.92
CA ARG B 58 25.91 34.15 -27.26
C ARG B 58 24.71 34.10 -28.23
N THR B 59 23.71 33.29 -27.97
CA THR B 59 22.62 33.05 -28.92
C THR B 59 21.40 33.93 -28.66
N SER B 60 21.08 34.26 -27.43
CA SER B 60 19.85 35.07 -27.20
C SER B 60 20.22 36.49 -26.78
N PRO B 61 19.46 37.48 -27.25
CA PRO B 61 19.68 38.92 -26.97
C PRO B 61 19.73 39.28 -25.46
N SER B 62 18.91 38.65 -24.62
CA SER B 62 19.00 38.82 -23.19
C SER B 62 18.75 37.49 -22.48
N VAL B 63 19.63 37.23 -21.50
CA VAL B 63 19.49 36.11 -20.54
C VAL B 63 19.45 36.69 -19.12
N ARG B 64 18.35 36.51 -18.42
CA ARG B 64 18.18 36.88 -17.05
C ARG B 64 19.19 36.12 -16.17
N MET B 65 19.78 36.85 -15.26
CA MET B 65 20.90 36.37 -14.41
C MET B 65 21.03 37.33 -13.23
N THR B 66 20.75 36.83 -12.03
CA THR B 66 20.85 37.63 -10.81
C THR B 66 22.28 37.46 -10.26
N LYS B 67 23.07 38.53 -10.36
CA LYS B 67 24.48 38.47 -9.95
C LYS B 67 24.65 38.98 -8.51
N GLU B 68 23.56 39.41 -7.87
CA GLU B 68 23.63 40.06 -6.56
C GLU B 68 23.86 38.99 -5.47
N TRP B 69 24.82 39.25 -4.59
CA TRP B 69 25.23 38.29 -3.56
C TRP B 69 24.05 37.91 -2.65
N ARG B 70 23.05 38.78 -2.56
CA ARG B 70 21.81 38.49 -1.84
C ARG B 70 21.29 37.10 -2.22
N SER B 71 21.32 36.79 -3.53
CA SER B 71 20.70 35.56 -4.07
C SER B 71 21.76 34.52 -4.43
N VAL B 72 22.98 34.94 -4.80
CA VAL B 72 23.99 33.97 -5.26
C VAL B 72 24.47 33.14 -4.06
N ARG B 73 24.60 33.77 -2.90
CA ARG B 73 25.07 33.18 -1.65
C ARG B 73 24.19 31.98 -1.23
N LEU B 74 22.95 31.99 -1.66
CA LEU B 74 21.95 30.99 -1.20
C LEU B 74 22.20 29.63 -1.88
N TYR B 75 23.01 29.56 -2.91
CA TYR B 75 23.32 28.29 -3.58
C TYR B 75 24.39 27.51 -2.81
N VAL B 76 24.88 28.05 -1.69
CA VAL B 76 25.79 27.33 -0.79
C VAL B 76 25.01 26.25 -0.08
N VAL B 77 23.80 26.64 0.34
CA VAL B 77 22.98 25.90 1.36
C VAL B 77 22.86 24.44 0.93
N PRO B 78 22.39 24.15 -0.31
CA PRO B 78 22.23 22.75 -0.72
C PRO B 78 23.48 21.91 -0.41
N SER B 79 24.65 22.47 -0.73
CA SER B 79 25.93 21.79 -0.55
C SER B 79 26.19 21.52 0.93
N VAL B 80 25.85 22.51 1.78
CA VAL B 80 26.03 22.39 3.24
C VAL B 80 25.10 21.27 3.76
N ILE B 81 23.87 21.25 3.27
CA ILE B 81 22.92 20.23 3.70
C ILE B 81 23.45 18.86 3.28
N TYR B 82 23.84 18.75 2.00
CA TYR B 82 24.26 17.46 1.44
C TYR B 82 25.50 16.94 2.17
N LEU B 83 26.39 17.87 2.60
CA LEU B 83 27.58 17.49 3.37
C LEU B 83 27.16 16.88 4.69
N ILE B 84 26.28 17.59 5.39
CA ILE B 84 25.77 17.16 6.71
C ILE B 84 25.05 15.83 6.52
N HIS B 85 24.23 15.75 5.46
CA HIS B 85 23.48 14.54 5.13
C HIS B 85 24.41 13.33 5.01
N ASN B 86 25.52 13.49 4.29
CA ASN B 86 26.40 12.35 4.02
C ASN B 86 27.04 11.84 5.32
N ASN B 87 27.30 12.76 6.25
CA ASN B 87 27.85 12.40 7.57
C ASN B 87 26.79 11.65 8.38
N VAL B 88 25.55 12.08 8.28
CA VAL B 88 24.44 11.44 9.00
C VAL B 88 24.20 10.06 8.40
N GLN B 89 24.18 9.94 7.07
CA GLN B 89 24.07 8.64 6.40
C GLN B 89 25.15 7.68 6.91
N PHE B 90 26.41 8.15 6.95
CA PHE B 90 27.50 7.31 7.41
C PHE B 90 27.29 6.98 8.91
N ALA B 91 26.92 7.97 9.69
CA ALA B 91 26.68 7.79 11.13
C ALA B 91 25.60 6.72 11.35
N THR B 92 24.50 6.82 10.61
CA THR B 92 23.36 5.90 10.75
C THR B 92 23.84 4.44 10.60
N LEU B 93 24.53 4.16 9.49
CA LEU B 93 24.95 2.79 9.13
C LEU B 93 25.80 2.15 10.25
N THR B 94 26.29 2.93 11.22
CA THR B 94 27.06 2.37 12.33
C THR B 94 26.13 1.94 13.46
N TYR B 95 24.81 2.09 13.30
CA TYR B 95 23.84 1.57 14.27
C TYR B 95 22.92 0.55 13.61
N VAL B 96 22.71 0.62 12.28
CA VAL B 96 21.74 -0.31 11.65
C VAL B 96 22.40 -0.95 10.44
N ASP B 97 22.02 -2.20 10.16
CA ASP B 97 22.47 -2.89 8.94
C ASP B 97 21.95 -2.13 7.71
N PRO B 98 22.59 -2.28 6.57
CA PRO B 98 22.26 -1.74 5.25
C PRO B 98 20.75 -1.75 4.89
N SER B 99 20.13 -2.89 5.19
CA SER B 99 18.73 -3.15 4.84
C SER B 99 17.81 -2.25 5.68
N THR B 100 18.04 -2.20 6.99
CA THR B 100 17.31 -1.30 7.87
C THR B 100 17.50 0.17 7.45
N TYR B 101 18.72 0.51 7.02
CA TYR B 101 19.03 1.84 6.51
C TYR B 101 18.29 2.06 5.19
N GLN B 102 18.32 1.07 4.31
CA GLN B 102 17.64 1.17 3.00
C GLN B 102 16.13 1.41 3.18
N ILE B 103 15.51 0.81 4.19
CA ILE B 103 14.07 0.85 4.36
C ILE B 103 13.65 2.12 5.13
N MET B 104 14.52 2.63 6.01
CA MET B 104 14.29 3.93 6.65
C MET B 104 14.35 5.05 5.60
N GLY B 105 14.96 4.74 4.44
CA GLY B 105 15.15 5.76 3.39
C GLY B 105 13.83 6.20 2.76
N ASN B 106 12.80 5.34 2.86
CA ASN B 106 11.49 5.66 2.27
C ASN B 106 10.84 6.81 3.06
N LEU B 107 11.41 7.30 4.17
CA LEU B 107 10.79 8.36 4.91
C LEU B 107 10.97 9.72 4.20
N LYS B 108 11.95 9.79 3.28
CA LYS B 108 12.19 11.02 2.52
C LYS B 108 10.92 11.38 1.70
N ILE B 109 10.14 10.37 1.34
CA ILE B 109 8.91 10.57 0.56
C ILE B 109 7.92 11.40 1.39
N VAL B 110 7.78 11.11 2.68
CA VAL B 110 6.81 11.83 3.51
C VAL B 110 7.43 13.16 3.96
N THR B 111 8.74 13.20 4.22
CA THR B 111 9.37 14.45 4.63
C THR B 111 9.39 15.44 3.45
N THR B 112 9.61 14.99 2.20
CA THR B 112 9.46 15.92 1.08
C THR B 112 8.02 16.39 1.02
N GLY B 113 7.10 15.45 1.15
CA GLY B 113 5.66 15.76 1.21
C GLY B 113 5.36 16.92 2.15
N ILE B 114 5.85 16.81 3.38
CA ILE B 114 5.54 17.79 4.42
C ILE B 114 6.17 19.14 4.05
N LEU B 115 7.47 19.10 3.74
CA LEU B 115 8.21 20.36 3.47
C LEU B 115 7.70 21.02 2.18
N PHE B 116 7.22 20.22 1.23
CA PHE B 116 6.54 20.74 0.05
C PHE B 116 5.45 21.73 0.46
N ARG B 117 4.64 21.30 1.43
CA ARG B 117 3.54 22.12 1.97
C ARG B 117 4.16 23.26 2.81
N LEU B 118 5.11 22.95 3.70
CA LEU B 118 5.58 23.95 4.65
C LEU B 118 6.46 25.01 3.95
N VAL B 119 7.57 24.54 3.37
CA VAL B 119 8.56 25.44 2.78
C VAL B 119 8.07 25.98 1.42
N LEU B 120 7.68 25.09 0.52
CA LEU B 120 7.28 25.52 -0.82
C LEU B 120 5.84 26.04 -0.80
N LYS B 121 5.12 25.82 0.32
CA LYS B 121 3.79 26.43 0.53
C LYS B 121 2.90 26.04 -0.65
N ARG B 122 3.01 24.78 -1.11
CA ARG B 122 2.18 24.33 -2.21
C ARG B 122 0.98 23.54 -1.66
N LYS B 123 -0.07 23.45 -2.45
CA LYS B 123 -1.34 22.86 -2.02
C LYS B 123 -1.42 21.39 -2.46
N LEU B 124 -1.81 20.52 -1.52
CA LEU B 124 -2.05 19.10 -1.83
C LEU B 124 -3.43 18.72 -1.30
N SER B 125 -4.16 17.99 -2.13
CA SER B 125 -5.51 17.49 -1.76
C SER B 125 -5.34 16.40 -0.69
N ASN B 126 -6.44 15.88 -0.20
CA ASN B 126 -6.49 14.72 0.68
C ASN B 126 -6.08 13.46 -0.11
N ILE B 127 -6.64 13.34 -1.32
CA ILE B 127 -6.33 12.26 -2.24
C ILE B 127 -4.82 12.22 -2.50
N GLN B 128 -4.22 13.40 -2.64
CA GLN B 128 -2.79 13.52 -2.92
C GLN B 128 -1.99 13.12 -1.67
N TRP B 129 -2.40 13.59 -0.50
CA TRP B 129 -1.73 13.23 0.73
C TRP B 129 -1.77 11.71 0.92
N MET B 130 -2.91 11.10 0.60
CA MET B 130 -3.06 9.66 0.73
C MET B 130 -2.12 8.97 -0.27
N ALA B 131 -1.87 9.60 -1.41
CA ALA B 131 -0.97 9.03 -2.43
C ALA B 131 0.49 9.11 -2.00
N ILE B 132 0.88 10.23 -1.41
CA ILE B 132 2.26 10.39 -0.89
C ILE B 132 2.51 9.24 0.10
N VAL B 133 1.60 9.05 1.05
CA VAL B 133 1.77 7.99 2.03
C VAL B 133 1.77 6.63 1.32
N LEU B 134 0.81 6.39 0.44
CA LEU B 134 0.75 5.11 -0.27
C LEU B 134 2.08 4.83 -1.00
N LEU B 135 2.71 5.85 -1.57
CA LEU B 135 3.97 5.63 -2.29
C LEU B 135 5.03 5.16 -1.32
N ALA B 136 5.16 5.82 -0.17
CA ALA B 136 6.15 5.41 0.84
C ALA B 136 5.85 4.01 1.35
N VAL B 137 4.58 3.71 1.57
CA VAL B 137 4.15 2.38 2.03
C VAL B 137 4.43 1.35 0.94
N GLY B 138 4.19 1.70 -0.33
CA GLY B 138 4.33 0.76 -1.43
C GLY B 138 5.78 0.38 -1.70
N THR B 139 6.66 1.35 -1.54
CA THR B 139 8.10 1.16 -1.76
C THR B 139 8.68 0.31 -0.62
N THR B 140 8.32 0.70 0.60
CA THR B 140 8.68 -0.06 1.81
C THR B 140 8.24 -1.52 1.65
N THR B 141 7.02 -1.74 1.17
CA THR B 141 6.47 -3.09 1.06
C THR B 141 7.36 -3.95 0.15
N SER B 142 7.84 -3.40 -0.96
CA SER B 142 8.72 -4.14 -1.88
C SER B 142 10.08 -4.46 -1.22
N GLN B 143 10.52 -3.63 -0.28
CA GLN B 143 11.82 -3.80 0.32
C GLN B 143 11.75 -4.79 1.51
N VAL B 144 10.60 -4.93 2.14
CA VAL B 144 10.46 -5.47 3.51
C VAL B 144 10.99 -6.91 3.55
N LYS B 145 11.79 -7.17 4.61
CA LYS B 145 12.61 -8.38 4.76
C LYS B 145 11.70 -9.61 4.95
N GLY B 146 11.74 -10.52 3.97
CA GLY B 146 10.75 -11.59 3.87
C GLY B 146 11.11 -12.76 4.76
N CYS B 147 11.57 -13.85 4.13
CA CYS B 147 12.17 -14.99 4.81
C CYS B 147 13.68 -14.79 4.94
N CYS B 152 20.99 -8.34 7.91
CA CYS B 152 20.08 -9.15 7.08
C CYS B 152 18.66 -9.14 7.66
N ASP B 153 18.55 -9.18 8.99
CA ASP B 153 17.23 -9.17 9.66
C ASP B 153 17.33 -8.60 11.10
N SER B 154 17.61 -7.30 11.27
CA SER B 154 17.82 -6.65 12.61
C SER B 154 16.98 -5.37 12.79
N LEU B 155 15.82 -5.23 12.14
CA LEU B 155 14.81 -4.21 12.53
C LEU B 155 13.82 -4.87 13.50
N PHE B 156 13.09 -4.06 14.26
CA PHE B 156 12.32 -4.57 15.43
C PHE B 156 13.29 -5.02 16.52
N PRO B 159 19.21 0.08 18.91
CA PRO B 159 19.35 1.34 19.65
C PRO B 159 18.55 2.49 19.01
N LEU B 160 18.16 3.45 19.83
CA LEU B 160 17.35 4.59 19.37
C LEU B 160 18.16 5.47 18.38
N GLU B 161 19.41 5.75 18.70
CA GLU B 161 20.26 6.59 17.87
C GLU B 161 19.98 6.29 16.38
N GLY B 162 19.96 5.00 16.07
CA GLY B 162 19.79 4.54 14.70
C GLY B 162 18.51 5.10 14.10
N TYR B 163 17.41 4.86 14.79
CA TYR B 163 16.09 5.28 14.31
C TYR B 163 16.02 6.81 14.26
N LEU B 164 16.57 7.50 15.30
CA LEU B 164 16.48 8.97 15.29
C LEU B 164 17.33 9.57 14.17
N LEU B 165 18.48 9.00 13.88
CA LEU B 165 19.39 9.53 12.84
C LEU B 165 18.82 9.23 11.45
N GLY B 166 18.30 8.01 11.26
CA GLY B 166 17.59 7.65 10.03
C GLY B 166 16.51 8.67 9.68
N ILE B 167 15.80 9.11 10.71
CA ILE B 167 14.71 10.11 10.56
C ILE B 167 15.31 11.46 10.22
N LEU B 168 16.31 11.90 10.94
CA LEU B 168 16.99 13.20 10.70
C LEU B 168 17.60 13.20 9.29
N SER B 169 18.16 12.06 8.87
CA SER B 169 18.72 11.91 7.53
C SER B 169 17.66 12.28 6.47
N ALA B 170 16.46 11.74 6.64
CA ALA B 170 15.38 11.92 5.65
C ALA B 170 14.94 13.38 5.59
N CYS B 171 14.92 14.05 6.74
CA CYS B 171 14.50 15.45 6.85
C CYS B 171 15.50 16.34 6.11
N LEU B 172 16.78 16.06 6.26
CA LEU B 172 17.83 16.83 5.58
C LEU B 172 17.78 16.55 4.08
N SER B 173 17.69 15.27 3.70
CA SER B 173 17.54 14.88 2.29
C SER B 173 16.44 15.71 1.65
N ALA B 174 15.27 15.69 2.27
CA ALA B 174 14.09 16.42 1.80
C ALA B 174 14.38 17.92 1.77
N LEU B 175 14.95 18.45 2.84
CA LEU B 175 15.23 19.88 2.95
C LEU B 175 16.10 20.34 1.78
N ALA B 176 17.12 19.55 1.46
CA ALA B 176 18.05 19.87 0.36
C ALA B 176 17.28 19.96 -0.96
N GLY B 177 16.50 18.96 -1.28
CA GLY B 177 15.71 18.96 -2.50
C GLY B 177 14.71 20.10 -2.52
N VAL B 178 14.00 20.29 -1.42
CA VAL B 178 12.95 21.33 -1.35
C VAL B 178 13.62 22.70 -1.42
N TYR B 179 14.78 22.87 -0.79
CA TYR B 179 15.43 24.17 -0.83
C TYR B 179 15.93 24.46 -2.26
N THR B 180 16.39 23.45 -2.97
CA THR B 180 16.84 23.64 -4.33
C THR B 180 15.67 24.12 -5.20
N GLU B 181 14.51 23.48 -5.10
CA GLU B 181 13.33 23.93 -5.82
C GLU B 181 13.04 25.40 -5.51
N TYR B 182 13.14 25.76 -4.24
CA TYR B 182 12.99 27.16 -3.84
C TYR B 182 13.93 28.05 -4.65
N LEU B 183 15.21 27.69 -4.74
CA LEU B 183 16.20 28.48 -5.46
C LEU B 183 15.83 28.62 -6.95
N MET B 184 15.47 27.51 -7.60
CA MET B 184 15.09 27.56 -9.02
C MET B 184 13.88 28.50 -9.23
N LYS B 185 12.87 28.35 -8.39
CA LYS B 185 11.57 28.98 -8.58
C LYS B 185 11.50 30.32 -7.83
N LYS B 186 12.55 30.73 -7.11
CA LYS B 186 12.52 32.03 -6.42
C LYS B 186 12.88 33.16 -7.40
N ASN B 187 13.35 32.79 -8.58
CA ASN B 187 13.79 33.75 -9.60
C ASN B 187 13.14 33.34 -10.92
N ASN B 188 13.08 34.26 -11.88
CA ASN B 188 12.71 33.88 -13.26
C ASN B 188 14.01 33.88 -14.11
N ASP B 189 15.09 33.45 -13.45
CA ASP B 189 16.43 33.44 -13.99
C ASP B 189 16.59 32.23 -14.93
N SER B 190 17.74 32.13 -15.61
CA SER B 190 17.98 31.04 -16.54
C SER B 190 18.33 29.76 -15.78
N LEU B 191 17.78 28.64 -16.25
CA LEU B 191 18.05 27.31 -15.72
C LEU B 191 19.56 27.08 -15.63
N TYR B 192 20.24 27.49 -16.71
CA TYR B 192 21.65 27.21 -16.94
C TYR B 192 22.51 28.03 -15.99
N TRP B 193 22.06 29.24 -15.66
CA TRP B 193 22.78 30.11 -14.70
C TRP B 193 22.53 29.64 -13.26
N GLN B 194 21.34 29.12 -12.99
CA GLN B 194 21.04 28.59 -11.67
C GLN B 194 21.86 27.31 -11.42
N ASN B 195 21.90 26.45 -12.44
CA ASN B 195 22.76 25.26 -12.40
C ASN B 195 24.22 25.69 -12.15
N VAL B 196 24.70 26.67 -12.89
CA VAL B 196 26.12 27.02 -12.81
C VAL B 196 26.50 27.50 -11.41
N GLN B 197 25.64 28.23 -10.72
CA GLN B 197 25.91 28.64 -9.34
C GLN B 197 25.81 27.42 -8.41
N LEU B 198 24.74 26.64 -8.57
CA LEU B 198 24.48 25.48 -7.74
C LEU B 198 25.69 24.52 -7.81
N TYR B 199 26.09 24.17 -9.03
CA TYR B 199 27.09 23.14 -9.26
C TYR B 199 28.51 23.69 -9.08
N THR B 200 28.68 24.99 -9.02
CA THR B 200 29.99 25.59 -8.67
C THR B 200 30.30 25.27 -7.22
N PHE B 201 29.37 25.56 -6.32
CA PHE B 201 29.58 25.30 -4.89
C PHE B 201 29.74 23.79 -4.65
N GLY B 202 29.00 22.97 -5.42
CA GLY B 202 29.12 21.52 -5.34
C GLY B 202 30.54 21.06 -5.71
N VAL B 203 31.06 21.61 -6.81
CA VAL B 203 32.42 21.27 -7.22
C VAL B 203 33.41 21.73 -6.14
N ILE B 204 33.27 22.94 -5.63
CA ILE B 204 34.13 23.45 -4.58
C ILE B 204 34.12 22.49 -3.38
N PHE B 205 32.93 22.10 -2.91
CA PHE B 205 32.81 21.30 -1.71
C PHE B 205 33.32 19.86 -1.97
N ASN B 206 32.91 19.26 -3.10
CA ASN B 206 33.43 17.95 -3.51
C ASN B 206 34.96 17.95 -3.49
N MET B 207 35.54 19.05 -3.93
CA MET B 207 36.99 19.19 -4.06
C MET B 207 37.64 19.38 -2.69
N GLY B 208 37.01 20.19 -1.83
CA GLY B 208 37.47 20.34 -0.45
C GLY B 208 37.44 19.00 0.31
N TRP B 209 36.45 18.19 -0.01
CA TRP B 209 36.31 16.86 0.62
C TRP B 209 37.45 15.96 0.17
N LEU B 210 37.73 15.94 -1.12
CA LEU B 210 38.81 15.13 -1.70
C LEU B 210 40.17 15.59 -1.15
N ILE B 211 40.32 16.91 -0.90
CA ILE B 211 41.55 17.42 -0.29
C ILE B 211 41.60 16.95 1.18
N TYR B 212 40.42 17.02 1.85
CA TYR B 212 40.35 16.63 3.26
C TYR B 212 40.75 15.15 3.41
N GLY B 213 40.11 14.35 2.64
CA GLY B 213 40.29 12.87 2.60
C GLY B 213 41.74 12.51 2.38
N ASP B 214 42.43 13.25 1.49
CA ASP B 214 43.86 13.01 1.26
C ASP B 214 44.66 13.45 2.48
N PHE B 215 44.24 14.56 3.11
CA PHE B 215 44.89 15.04 4.34
C PHE B 215 44.76 14.00 5.45
N LYS B 216 43.63 13.30 5.50
CA LYS B 216 43.34 12.34 6.59
C LYS B 216 44.38 11.22 6.59
N ALA B 217 44.95 10.91 5.42
CA ALA B 217 45.98 9.87 5.30
C ALA B 217 47.35 10.51 5.03
N GLY B 218 47.55 11.75 5.48
CA GLY B 218 48.87 12.40 5.45
C GLY B 218 49.42 12.64 4.06
N PHE B 219 48.55 12.58 3.03
CA PHE B 219 48.93 12.75 1.60
C PHE B 219 49.96 11.68 1.14
N GLU B 220 49.98 10.49 1.77
CA GLU B 220 51.21 9.65 1.69
C GLU B 220 51.24 8.82 0.42
N LEU B 221 50.08 8.73 -0.24
CA LEU B 221 49.82 8.00 -1.50
C LEU B 221 50.25 8.88 -2.68
N GLY B 222 49.99 8.44 -3.90
CA GLY B 222 50.43 9.16 -5.07
C GLY B 222 50.07 10.64 -5.05
N PRO B 223 50.82 11.44 -5.83
CA PRO B 223 50.69 12.91 -5.80
C PRO B 223 49.23 13.30 -6.01
N TRP B 224 48.65 14.06 -5.10
CA TRP B 224 47.23 14.36 -5.04
C TRP B 224 46.67 14.81 -6.40
N TRP B 225 47.41 15.65 -7.12
CA TRP B 225 46.90 16.22 -8.40
C TRP B 225 46.87 15.14 -9.49
N GLN B 226 47.86 14.26 -9.48
CA GLN B 226 47.97 13.16 -10.45
C GLN B 226 46.84 12.15 -10.22
N ARG B 227 46.58 11.85 -8.92
CA ARG B 227 45.60 10.86 -8.50
C ARG B 227 44.18 11.36 -8.74
N LEU B 228 44.02 12.67 -8.92
CA LEU B 228 42.71 13.26 -9.32
C LEU B 228 42.30 12.80 -10.74
N SER B 233 37.43 2.39 -15.74
CA SER B 233 37.07 1.61 -16.93
C SER B 233 36.11 2.44 -17.79
N ILE B 234 35.65 1.86 -18.89
CA ILE B 234 34.54 2.42 -19.67
C ILE B 234 33.30 2.47 -18.78
N THR B 235 33.02 1.32 -18.15
CA THR B 235 31.87 1.17 -17.24
C THR B 235 31.87 2.31 -16.21
N THR B 236 33.06 2.63 -15.68
CA THR B 236 33.22 3.69 -14.70
C THR B 236 32.75 5.02 -15.31
N TRP B 237 33.16 5.29 -16.57
CA TRP B 237 32.79 6.52 -17.26
C TRP B 237 31.28 6.52 -17.55
N MET B 238 30.68 5.36 -17.79
CA MET B 238 29.24 5.28 -18.07
C MET B 238 28.46 5.83 -16.86
N VAL B 239 28.86 5.43 -15.64
CA VAL B 239 28.08 5.82 -14.46
C VAL B 239 28.35 7.29 -14.15
N VAL B 240 29.55 7.80 -14.47
CA VAL B 240 29.84 9.22 -14.22
C VAL B 240 28.89 10.05 -15.06
N PHE B 241 28.75 9.68 -16.33
CA PHE B 241 27.82 10.34 -17.27
C PHE B 241 26.40 10.12 -16.77
N ASN B 242 26.07 8.87 -16.39
CA ASN B 242 24.71 8.52 -15.99
C ASN B 242 24.31 9.32 -14.75
N LEU B 243 25.25 9.49 -13.80
CA LEU B 243 24.99 10.20 -12.55
C LEU B 243 24.85 11.70 -12.83
N GLY B 244 25.66 12.19 -13.79
CA GLY B 244 25.54 13.56 -14.25
C GLY B 244 24.20 13.82 -14.91
N SER B 245 23.81 12.91 -15.81
CA SER B 245 22.55 13.03 -16.56
C SER B 245 21.38 13.18 -15.61
N THR B 246 21.20 12.20 -14.72
CA THR B 246 20.02 12.17 -13.85
C THR B 246 19.97 13.47 -13.04
N GLY B 247 21.16 13.91 -12.58
CA GLY B 247 21.29 15.11 -11.76
C GLY B 247 20.82 16.37 -12.49
N LEU B 248 21.02 16.42 -13.80
CA LEU B 248 20.57 17.59 -14.58
C LEU B 248 19.05 17.55 -14.73
N LEU B 249 18.50 16.35 -14.84
CA LEU B 249 17.05 16.16 -14.96
C LEU B 249 16.40 16.59 -13.65
N VAL B 250 17.03 16.23 -12.52
CA VAL B 250 16.49 16.60 -11.21
C VAL B 250 16.39 18.13 -11.13
N SER B 251 17.41 18.83 -11.63
CA SER B 251 17.42 20.29 -11.60
C SER B 251 16.28 20.82 -12.48
N TRP B 252 16.18 20.28 -13.70
CA TRP B 252 15.08 20.66 -14.60
C TRP B 252 13.76 20.60 -13.83
N LEU B 253 13.53 19.49 -13.12
CA LEU B 253 12.27 19.24 -12.41
C LEU B 253 12.16 20.16 -11.18
N MET B 254 13.29 20.51 -10.57
CA MET B 254 13.27 21.47 -9.47
C MET B 254 12.76 22.82 -9.99
N LYS B 255 13.05 23.12 -11.26
CA LYS B 255 12.65 24.41 -11.83
C LYS B 255 11.23 24.33 -12.41
N TYR B 256 11.03 23.44 -13.39
CA TYR B 256 9.80 23.47 -14.21
C TYR B 256 8.80 22.39 -13.76
N SER B 257 9.16 21.71 -12.70
CA SER B 257 8.45 20.61 -12.05
C SER B 257 8.79 20.66 -10.56
N ASP B 258 8.11 19.83 -9.81
CA ASP B 258 8.19 19.84 -8.33
C ASP B 258 8.89 18.58 -7.83
N ASN B 259 9.26 18.65 -6.55
CA ASN B 259 9.92 17.56 -5.79
C ASN B 259 9.05 16.29 -5.78
N ILE B 260 7.72 16.44 -5.75
CA ILE B 260 6.89 15.24 -5.64
C ILE B 260 7.03 14.44 -6.93
N VAL B 261 7.02 15.07 -8.08
CA VAL B 261 7.27 14.40 -9.35
C VAL B 261 8.64 13.70 -9.29
N LYS B 262 9.61 14.38 -8.71
CA LYS B 262 10.94 13.79 -8.56
C LYS B 262 10.82 12.48 -7.77
N VAL B 263 10.28 12.52 -6.58
CA VAL B 263 10.28 11.35 -5.68
C VAL B 263 9.37 10.24 -6.26
N TYR B 264 8.42 10.56 -7.12
CA TYR B 264 7.68 9.50 -7.82
C TYR B 264 8.60 8.86 -8.84
N SER B 265 9.43 9.64 -9.53
CA SER B 265 10.38 9.11 -10.51
C SER B 265 11.40 8.20 -9.82
N THR B 266 11.98 8.70 -8.74
CA THR B 266 12.96 7.90 -7.97
C THR B 266 12.30 6.57 -7.52
N SER B 267 11.15 6.68 -6.88
CA SER B 267 10.51 5.53 -6.28
C SER B 267 10.19 4.52 -7.38
N MET B 268 9.72 4.94 -8.53
CA MET B 268 9.43 4.02 -9.63
C MET B 268 10.75 3.46 -10.18
N ALA B 269 11.84 4.17 -10.01
CA ALA B 269 13.15 3.66 -10.48
C ALA B 269 13.51 2.46 -9.59
N MET B 270 13.33 2.63 -8.27
CA MET B 270 13.72 1.58 -7.31
C MET B 270 12.87 0.34 -7.53
N LEU B 271 11.61 0.49 -7.97
CA LEU B 271 10.78 -0.66 -8.29
C LEU B 271 11.29 -1.33 -9.57
N LEU B 272 11.60 -0.52 -10.58
CA LEU B 272 12.04 -1.00 -11.87
C LEU B 272 13.35 -1.77 -11.72
N THR B 273 14.24 -1.27 -10.87
CA THR B 273 15.55 -1.88 -10.59
C THR B 273 15.34 -3.32 -10.11
N MET B 274 14.40 -3.51 -9.17
CA MET B 274 14.11 -4.84 -8.64
C MET B 274 13.48 -5.75 -9.72
N VAL B 275 12.63 -5.18 -10.52
CA VAL B 275 11.97 -5.94 -11.62
C VAL B 275 13.00 -6.21 -12.72
N LEU B 276 13.93 -5.32 -12.97
CA LEU B 276 14.96 -5.56 -13.98
C LEU B 276 16.00 -6.56 -13.46
N SER B 277 16.24 -6.57 -12.15
CA SER B 277 17.18 -7.53 -11.53
C SER B 277 16.68 -8.98 -11.69
N ILE B 278 15.39 -9.16 -11.93
CA ILE B 278 14.82 -10.50 -12.04
C ILE B 278 15.09 -11.05 -13.42
N TYR B 279 15.05 -10.19 -14.42
CA TYR B 279 15.27 -10.63 -15.83
C TYR B 279 16.77 -10.64 -16.14
N LEU B 280 17.61 -9.85 -15.46
CA LEU B 280 19.02 -9.83 -15.72
C LEU B 280 19.84 -10.69 -14.75
N PHE B 281 19.95 -10.25 -13.52
CA PHE B 281 20.77 -10.94 -12.52
C PHE B 281 20.00 -12.12 -11.94
N SER B 282 18.75 -12.28 -12.35
CA SER B 282 17.89 -13.44 -12.00
C SER B 282 17.66 -13.50 -10.48
N VAL B 283 17.41 -12.35 -9.83
CA VAL B 283 17.39 -12.23 -8.38
C VAL B 283 16.00 -12.58 -7.89
N LYS B 284 15.96 -12.82 -6.59
CA LYS B 284 14.79 -13.45 -5.85
C LYS B 284 13.46 -12.66 -5.89
N ALA B 285 12.56 -13.09 -6.78
CA ALA B 285 11.27 -12.43 -6.97
C ALA B 285 10.36 -12.76 -5.78
N THR B 286 9.76 -11.76 -5.11
CA THR B 286 8.88 -12.03 -4.00
C THR B 286 7.47 -11.43 -4.28
N ILE B 287 6.50 -11.85 -3.49
CA ILE B 287 5.17 -11.28 -3.59
C ILE B 287 5.20 -9.82 -3.14
N GLN B 288 6.09 -9.49 -2.22
CA GLN B 288 6.24 -8.11 -1.69
C GLN B 288 6.61 -7.15 -2.85
N LEU B 289 7.38 -7.60 -3.81
CA LEU B 289 7.65 -6.82 -5.00
C LEU B 289 6.35 -6.64 -5.81
N PHE B 290 5.65 -7.72 -6.07
CA PHE B 290 4.38 -7.66 -6.79
C PHE B 290 3.43 -6.69 -6.10
N LEU B 291 3.26 -6.84 -4.78
CA LEU B 291 2.32 -6.03 -4.01
C LEU B 291 2.71 -4.54 -4.05
N GLY B 292 3.97 -4.26 -3.77
CA GLY B 292 4.50 -2.88 -3.74
C GLY B 292 4.29 -2.16 -5.06
N ILE B 293 4.37 -2.87 -6.17
CA ILE B 293 4.15 -2.29 -7.50
C ILE B 293 2.66 -1.85 -7.63
N ILE B 294 1.73 -2.70 -7.21
CA ILE B 294 0.33 -2.40 -7.31
C ILE B 294 -0.03 -1.21 -6.41
N ILE B 295 0.48 -1.19 -5.20
CA ILE B 295 0.33 -0.06 -4.29
C ILE B 295 0.82 1.21 -5.01
N CYS B 296 2.00 1.12 -5.61
CA CYS B 296 2.65 2.28 -6.22
C CYS B 296 1.87 2.72 -7.47
N ILE B 297 1.46 1.79 -8.34
CA ILE B 297 0.65 2.11 -9.51
C ILE B 297 -0.59 2.88 -9.08
N ILE B 298 -1.24 2.39 -8.00
CA ILE B 298 -2.46 2.99 -7.48
C ILE B 298 -2.08 4.37 -6.86
N SER B 299 -0.97 4.42 -6.14
CA SER B 299 -0.51 5.68 -5.55
C SER B 299 -0.21 6.70 -6.65
N LEU B 300 0.18 6.24 -7.82
CA LEU B 300 0.46 7.14 -8.96
C LEU B 300 -0.83 7.75 -9.46
N GLN B 301 -1.81 6.88 -9.72
CA GLN B 301 -3.12 7.30 -10.24
C GLN B 301 -3.75 8.32 -9.27
N MET B 302 -3.79 7.96 -8.00
CA MET B 302 -4.37 8.85 -6.98
C MET B 302 -3.75 10.26 -7.06
N TYR B 303 -2.44 10.39 -7.14
CA TYR B 303 -1.80 11.68 -7.04
C TYR B 303 -1.95 12.47 -8.36
N PHE B 304 -1.85 11.78 -9.50
CA PHE B 304 -1.73 12.47 -10.78
C PHE B 304 -3.04 12.41 -11.56
N MET B 305 -4.05 11.79 -10.95
CA MET B 305 -5.35 11.75 -11.62
C MET B 305 -6.08 13.08 -11.33
N PRO B 306 -6.69 13.61 -12.40
CA PRO B 306 -7.66 14.72 -12.41
C PRO B 306 -8.95 14.34 -11.66
N VAL B 307 -9.43 15.23 -10.79
CA VAL B 307 -10.36 14.79 -9.72
C VAL B 307 -11.73 14.43 -10.30
N HIS B 308 -12.03 14.81 -11.54
CA HIS B 308 -13.27 14.43 -12.23
C HIS B 308 -13.17 12.98 -12.73
N MET B 309 -11.94 12.55 -13.10
CA MET B 309 -11.71 11.20 -13.59
C MET B 309 -11.79 10.21 -12.42
N LEU B 310 -11.32 10.63 -11.26
CA LEU B 310 -11.38 9.80 -10.04
C LEU B 310 -12.83 9.50 -9.68
N ILE B 311 -13.82 10.23 -10.22
CA ILE B 311 -15.19 10.01 -9.81
C ILE B 311 -16.05 9.45 -10.95
N GLU B 312 -15.44 9.15 -12.11
CA GLU B 312 -16.20 8.64 -13.26
C GLU B 312 -16.40 7.11 -13.23
N LEU B 313 -17.41 6.66 -13.95
CA LEU B 313 -17.68 5.20 -14.03
C LEU B 313 -17.18 4.67 -15.39
#